data_1NU5
#
_entry.id   1NU5
#
_cell.length_a   135.355
_cell.length_b   135.355
_cell.length_c   105.033
_cell.angle_alpha   90.00
_cell.angle_beta   90.00
_cell.angle_gamma   90.00
#
_symmetry.space_group_name_H-M   'I 4 2 2'
#
loop_
_entity.id
_entity.type
_entity.pdbx_description
1 polymer 'Chloromuconate cycloisomerase'
2 non-polymer 'MANGANESE (II) ION'
3 water water
#
_entity_poly.entity_id   1
_entity_poly.type   'polypeptide(L)'
_entity_poly.pdbx_seq_one_letter_code
;MKIEAISTTIVDVPTRRPLQMSFTTVHKQSYVIVQVKAGGLVGIGEGGSVGGPTWGSESAETIKVIIDNYLAPLLVGKDA
SNLSQARVLMDRAVTGNLSAKAAIDIALHDLKARALNLSIADLIGGTMRTSIPIAWTLASGDTARDIDSALEMIETRRHN
RFKVKLGARTPAQDLEHIRSIVKAVGDRASVRVDVNQGWDEQTASIWIPRLEEAGVELVEQPVPRANFGALRRLTEQNGV
AILADESLSSLSSAFELARDHAVDAFSLKLCNMGGIANTLKVAAVAEAAGISSYGGTMLDSTVGTAAALHVYATLPSLPY
GCELIGPWVLGDRLTQQDLEIKDFEVHLPLGSGLGVDLDHDKVRHYTRAA
;
_entity_poly.pdbx_strand_id   A
#
# COMPACT_ATOMS: atom_id res chain seq x y z
N MET A 1 24.46 13.02 -9.20
CA MET A 1 25.49 13.37 -8.17
C MET A 1 25.85 12.13 -7.35
N LYS A 2 27.06 12.11 -6.81
CA LYS A 2 27.50 11.00 -5.99
C LYS A 2 26.73 11.00 -4.68
N ILE A 3 26.33 9.81 -4.22
CA ILE A 3 25.59 9.68 -2.96
C ILE A 3 26.57 9.90 -1.83
N GLU A 4 26.30 10.92 -1.01
CA GLU A 4 27.16 11.25 0.12
C GLU A 4 26.87 10.36 1.32
N ALA A 5 25.59 10.15 1.60
CA ALA A 5 25.19 9.33 2.75
C ALA A 5 23.73 8.97 2.69
N ILE A 6 23.37 7.93 3.43
CA ILE A 6 21.99 7.46 3.52
C ILE A 6 21.67 7.24 4.99
N SER A 7 20.77 8.05 5.53
CA SER A 7 20.40 7.91 6.94
C SER A 7 19.08 7.20 7.12
N THR A 8 18.95 6.46 8.21
CA THR A 8 17.72 5.73 8.51
C THR A 8 17.24 6.16 9.89
N THR A 9 15.96 6.46 10.00
CA THR A 9 15.37 6.88 11.25
C THR A 9 14.07 6.14 11.52
N ILE A 10 14.03 5.38 12.61
CA ILE A 10 12.83 4.66 12.97
C ILE A 10 11.93 5.61 13.75
N VAL A 11 10.73 5.83 13.26
CA VAL A 11 9.79 6.69 13.94
C VAL A 11 8.56 5.88 14.31
N ASP A 12 8.06 6.09 15.52
CA ASP A 12 6.88 5.38 15.97
C ASP A 12 5.78 6.41 16.07
N VAL A 13 4.79 6.28 15.19
CA VAL A 13 3.68 7.23 15.18
C VAL A 13 2.39 6.58 15.68
N PRO A 14 1.78 7.19 16.70
CA PRO A 14 0.54 6.68 17.28
C PRO A 14 -0.58 6.62 16.25
N THR A 15 -1.43 5.61 16.35
CA THR A 15 -2.55 5.46 15.44
C THR A 15 -3.80 5.96 16.16
N ARG A 16 -4.74 6.52 15.42
CA ARG A 16 -5.97 7.03 16.02
C ARG A 16 -6.80 5.91 16.60
N ARG A 17 -6.65 4.71 16.04
CA ARG A 17 -7.38 3.55 16.51
C ARG A 17 -6.41 2.37 16.67
N PRO A 18 -6.70 1.46 17.61
CA PRO A 18 -5.84 0.30 17.84
C PRO A 18 -5.72 -0.59 16.60
N LEU A 19 -4.64 -1.35 16.53
CA LEU A 19 -4.40 -2.26 15.41
C LEU A 19 -4.36 -3.69 15.92
N GLN A 20 -5.50 -4.38 15.87
CA GLN A 20 -5.60 -5.75 16.34
C GLN A 20 -4.78 -6.71 15.48
N MET A 21 -3.79 -7.35 16.08
CA MET A 21 -2.93 -8.30 15.38
C MET A 21 -2.76 -9.58 16.17
N SER A 22 -2.89 -10.73 15.50
CA SER A 22 -2.74 -12.04 16.12
C SER A 22 -3.24 -12.02 17.57
N PHE A 23 -2.33 -11.77 18.50
CA PHE A 23 -2.66 -11.70 19.92
C PHE A 23 -1.88 -10.56 20.59
N THR A 24 -2.02 -9.37 20.01
CA THR A 24 -1.36 -8.17 20.52
C THR A 24 -1.88 -6.96 19.76
N THR A 25 -2.60 -6.08 20.46
CA THR A 25 -3.16 -4.88 19.85
C THR A 25 -2.16 -3.74 19.84
N VAL A 26 -1.72 -3.35 18.65
CA VAL A 26 -0.76 -2.27 18.50
C VAL A 26 -1.46 -0.92 18.56
N HIS A 27 -0.78 0.07 19.13
CA HIS A 27 -1.34 1.42 19.25
C HIS A 27 -0.56 2.44 18.41
N LYS A 28 0.27 1.94 17.50
CA LYS A 28 1.06 2.81 16.64
C LYS A 28 1.72 2.06 15.50
N GLN A 29 2.16 2.81 14.50
CA GLN A 29 2.82 2.22 13.35
C GLN A 29 4.27 2.68 13.35
N SER A 30 5.17 1.78 12.98
CA SER A 30 6.59 2.12 12.94
C SER A 30 7.11 2.18 11.51
N TYR A 31 7.81 3.25 11.20
CA TYR A 31 8.37 3.44 9.87
C TYR A 31 9.85 3.69 9.95
N VAL A 32 10.52 3.51 8.82
CA VAL A 32 11.93 3.78 8.73
C VAL A 32 11.99 4.90 7.68
N ILE A 33 12.31 6.10 8.13
CA ILE A 33 12.39 7.22 7.20
C ILE A 33 13.82 7.22 6.67
N VAL A 34 13.93 7.19 5.34
CA VAL A 34 15.22 7.16 4.69
C VAL A 34 15.50 8.50 4.02
N GLN A 35 16.74 8.97 4.15
CA GLN A 35 17.12 10.23 3.53
C GLN A 35 18.43 10.01 2.79
N VAL A 36 18.41 10.29 1.49
CA VAL A 36 19.61 10.14 0.66
C VAL A 36 20.14 11.53 0.36
N LYS A 37 21.41 11.74 0.66
CA LYS A 37 22.06 13.02 0.41
C LYS A 37 23.04 12.90 -0.75
N ALA A 38 22.89 13.79 -1.72
CA ALA A 38 23.75 13.82 -2.88
C ALA A 38 23.77 15.24 -3.44
N GLY A 39 24.97 15.76 -3.67
CA GLY A 39 25.10 17.11 -4.21
C GLY A 39 24.35 18.14 -3.39
N GLY A 40 24.36 17.98 -2.07
CA GLY A 40 23.69 18.91 -1.20
C GLY A 40 22.19 18.71 -1.09
N LEU A 41 21.57 18.14 -2.12
CA LEU A 41 20.13 17.91 -2.10
C LEU A 41 19.77 16.63 -1.34
N VAL A 42 18.51 16.51 -0.97
CA VAL A 42 18.06 15.34 -0.24
C VAL A 42 16.80 14.72 -0.82
N GLY A 43 16.76 13.39 -0.82
CA GLY A 43 15.61 12.67 -1.31
C GLY A 43 15.12 11.86 -0.13
N ILE A 44 13.80 11.78 0.05
CA ILE A 44 13.27 11.02 1.18
C ILE A 44 12.47 9.81 0.75
N GLY A 45 12.48 8.78 1.62
CA GLY A 45 11.77 7.56 1.34
C GLY A 45 11.23 6.96 2.63
N GLU A 46 10.36 5.97 2.49
CA GLU A 46 9.77 5.34 3.66
C GLU A 46 9.76 3.82 3.52
N GLY A 47 10.16 3.14 4.58
CA GLY A 47 10.17 1.69 4.59
C GLY A 47 9.06 1.30 5.53
N GLY A 48 7.98 0.74 4.98
CA GLY A 48 6.85 0.37 5.80
C GLY A 48 6.59 -1.09 6.05
N SER A 49 5.63 -1.34 6.93
CA SER A 49 5.21 -2.68 7.32
C SER A 49 3.96 -2.50 8.17
N VAL A 50 3.10 -3.50 8.22
CA VAL A 50 1.88 -3.39 9.00
C VAL A 50 1.97 -4.14 10.32
N GLY A 51 1.96 -3.39 11.42
CA GLY A 51 2.04 -3.99 12.74
C GLY A 51 3.24 -4.89 12.96
N GLY A 52 4.38 -4.51 12.38
CA GLY A 52 5.57 -5.33 12.54
C GLY A 52 5.67 -6.47 11.55
N PRO A 53 6.35 -7.57 11.91
CA PRO A 53 6.54 -8.76 11.07
C PRO A 53 5.27 -9.61 10.95
N THR A 54 4.11 -8.95 10.91
CA THR A 54 2.84 -9.65 10.80
C THR A 54 2.40 -9.77 9.34
N TRP A 55 2.10 -8.64 8.71
CA TRP A 55 1.68 -8.67 7.31
C TRP A 55 2.78 -9.31 6.48
N GLY A 56 4.02 -8.92 6.78
CA GLY A 56 5.17 -9.44 6.06
C GLY A 56 6.28 -9.82 7.02
N SER A 57 7.37 -10.36 6.48
CA SER A 57 8.50 -10.78 7.30
C SER A 57 9.43 -9.64 7.72
N GLU A 58 9.17 -8.43 7.23
CA GLU A 58 10.02 -7.29 7.58
C GLU A 58 9.39 -6.44 8.69
N SER A 59 10.23 -5.69 9.39
CA SER A 59 9.78 -4.79 10.46
C SER A 59 10.66 -3.55 10.37
N ALA A 60 10.28 -2.49 11.09
CA ALA A 60 11.08 -1.27 11.07
C ALA A 60 12.50 -1.59 11.52
N GLU A 61 12.64 -2.56 12.41
CA GLU A 61 13.95 -2.96 12.92
C GLU A 61 14.80 -3.67 11.87
N THR A 62 14.22 -4.62 11.16
CA THR A 62 14.97 -5.34 10.14
C THR A 62 15.33 -4.40 9.00
N ILE A 63 14.38 -3.54 8.64
CA ILE A 63 14.61 -2.58 7.56
C ILE A 63 15.80 -1.68 7.85
N LYS A 64 15.84 -1.09 9.04
CA LYS A 64 16.93 -0.20 9.40
C LYS A 64 18.28 -0.91 9.35
N VAL A 65 18.37 -2.09 9.96
CA VAL A 65 19.61 -2.85 9.98
C VAL A 65 20.06 -3.28 8.58
N ILE A 66 19.11 -3.68 7.75
CA ILE A 66 19.44 -4.12 6.40
C ILE A 66 20.02 -2.97 5.60
N ILE A 67 19.40 -1.79 5.73
CA ILE A 67 19.88 -0.61 5.01
C ILE A 67 21.23 -0.15 5.57
N ASP A 68 21.32 0.01 6.88
CA ASP A 68 22.55 0.45 7.52
C ASP A 68 23.76 -0.44 7.28
N ASN A 69 23.58 -1.75 7.41
CA ASN A 69 24.68 -2.70 7.25
C ASN A 69 24.97 -3.24 5.85
N TYR A 70 23.97 -3.25 4.98
CA TYR A 70 24.19 -3.81 3.66
C TYR A 70 23.92 -2.90 2.47
N LEU A 71 22.70 -2.40 2.34
CA LEU A 71 22.34 -1.53 1.23
C LEU A 71 23.03 -0.16 1.17
N ALA A 72 22.97 0.60 2.25
CA ALA A 72 23.59 1.93 2.28
C ALA A 72 25.08 1.92 1.93
N PRO A 73 25.88 1.06 2.58
CA PRO A 73 27.32 1.01 2.29
C PRO A 73 27.61 0.80 0.80
N LEU A 74 26.81 -0.03 0.15
CA LEU A 74 26.97 -0.34 -1.26
C LEU A 74 26.64 0.82 -2.21
N LEU A 75 25.72 1.68 -1.79
CA LEU A 75 25.30 2.80 -2.64
C LEU A 75 26.11 4.08 -2.46
N VAL A 76 26.69 4.27 -1.27
CA VAL A 76 27.48 5.47 -1.03
C VAL A 76 28.64 5.50 -2.02
N GLY A 77 28.80 6.63 -2.71
CA GLY A 77 29.86 6.76 -3.68
C GLY A 77 29.36 6.53 -5.10
N LYS A 78 28.13 6.03 -5.23
CA LYS A 78 27.54 5.75 -6.53
C LYS A 78 26.72 6.94 -7.01
N ASP A 79 26.47 7.00 -8.32
CA ASP A 79 25.69 8.07 -8.89
C ASP A 79 24.23 7.90 -8.49
N ALA A 80 23.73 8.84 -7.69
CA ALA A 80 22.36 8.80 -7.20
C ALA A 80 21.33 8.83 -8.31
N SER A 81 21.69 9.42 -9.44
CA SER A 81 20.76 9.53 -10.56
C SER A 81 20.61 8.24 -11.36
N ASN A 82 21.53 7.30 -11.20
CA ASN A 82 21.39 6.06 -11.96
C ASN A 82 20.50 5.08 -11.21
N LEU A 83 19.20 5.25 -11.40
CA LEU A 83 18.20 4.41 -10.74
C LEU A 83 18.30 2.96 -11.20
N SER A 84 18.69 2.76 -12.46
CA SER A 84 18.82 1.42 -13.01
C SER A 84 19.87 0.64 -12.24
N GLN A 85 21.06 1.23 -12.11
CA GLN A 85 22.14 0.56 -11.40
C GLN A 85 21.85 0.39 -9.90
N ALA A 86 21.22 1.38 -9.29
CA ALA A 86 20.90 1.31 -7.87
C ALA A 86 19.99 0.12 -7.59
N ARG A 87 18.96 -0.05 -8.43
CA ARG A 87 18.02 -1.14 -8.28
C ARG A 87 18.70 -2.50 -8.42
N VAL A 88 19.50 -2.65 -9.48
CA VAL A 88 20.21 -3.91 -9.71
C VAL A 88 21.26 -4.21 -8.65
N LEU A 89 21.98 -3.19 -8.21
CA LEU A 89 23.00 -3.37 -7.18
C LEU A 89 22.37 -3.93 -5.90
N MET A 90 21.24 -3.34 -5.50
CA MET A 90 20.57 -3.80 -4.29
C MET A 90 20.09 -5.24 -4.42
N ASP A 91 19.49 -5.57 -5.56
CA ASP A 91 18.98 -6.92 -5.80
C ASP A 91 20.08 -7.98 -5.84
N ARG A 92 21.26 -7.60 -6.30
CA ARG A 92 22.36 -8.55 -6.40
C ARG A 92 23.12 -8.69 -5.09
N ALA A 93 22.98 -7.69 -4.22
CA ALA A 93 23.67 -7.71 -2.93
C ALA A 93 22.82 -8.27 -1.78
N VAL A 94 21.51 -8.07 -1.86
CA VAL A 94 20.63 -8.55 -0.80
C VAL A 94 19.43 -9.30 -1.34
N THR A 95 19.12 -10.43 -0.72
CA THR A 95 17.96 -11.23 -1.12
C THR A 95 16.75 -10.77 -0.33
N GLY A 96 15.61 -10.64 -1.01
CA GLY A 96 14.40 -10.21 -0.32
C GLY A 96 14.54 -8.80 0.24
N ASN A 97 13.93 -8.57 1.40
CA ASN A 97 13.97 -7.26 2.06
C ASN A 97 13.54 -6.18 1.07
N LEU A 98 12.46 -6.45 0.37
CA LEU A 98 11.94 -5.52 -0.63
C LEU A 98 11.52 -4.18 -0.03
N SER A 99 11.01 -4.18 1.19
CA SER A 99 10.58 -2.93 1.82
C SER A 99 11.77 -1.99 2.05
N ALA A 100 12.89 -2.56 2.48
CA ALA A 100 14.10 -1.77 2.73
C ALA A 100 14.58 -1.20 1.40
N LYS A 101 14.55 -2.02 0.36
CA LYS A 101 14.98 -1.58 -0.96
C LYS A 101 14.05 -0.49 -1.48
N ALA A 102 12.75 -0.65 -1.24
CA ALA A 102 11.76 0.32 -1.69
C ALA A 102 11.95 1.69 -1.05
N ALA A 103 12.33 1.71 0.23
CA ALA A 103 12.55 2.97 0.92
C ALA A 103 13.65 3.77 0.23
N ILE A 104 14.73 3.08 -0.14
CA ILE A 104 15.84 3.72 -0.83
C ILE A 104 15.45 4.12 -2.25
N ASP A 105 14.72 3.24 -2.94
CA ASP A 105 14.31 3.53 -4.30
C ASP A 105 13.42 4.77 -4.36
N ILE A 106 12.51 4.90 -3.39
CA ILE A 106 11.63 6.06 -3.35
C ILE A 106 12.47 7.33 -3.15
N ALA A 107 13.42 7.27 -2.24
CA ALA A 107 14.29 8.41 -1.96
C ALA A 107 15.07 8.82 -3.20
N LEU A 108 15.60 7.85 -3.93
CA LEU A 108 16.36 8.16 -5.14
C LEU A 108 15.49 8.78 -6.21
N HIS A 109 14.24 8.35 -6.33
CA HIS A 109 13.32 8.93 -7.31
C HIS A 109 12.98 10.36 -6.93
N ASP A 110 12.78 10.59 -5.64
CA ASP A 110 12.45 11.91 -5.12
C ASP A 110 13.61 12.87 -5.43
N LEU A 111 14.82 12.44 -5.10
CA LEU A 111 16.03 13.22 -5.31
C LEU A 111 16.24 13.55 -6.79
N LYS A 112 16.12 12.55 -7.65
CA LYS A 112 16.33 12.77 -9.08
C LYS A 112 15.28 13.68 -9.69
N ALA A 113 14.02 13.45 -9.31
CA ALA A 113 12.92 14.25 -9.83
C ALA A 113 13.07 15.72 -9.44
N ARG A 114 13.37 15.98 -8.17
CA ARG A 114 13.54 17.35 -7.70
C ARG A 114 14.66 18.04 -8.47
N ALA A 115 15.77 17.33 -8.66
CA ALA A 115 16.92 17.87 -9.39
C ALA A 115 16.53 18.29 -10.81
N LEU A 116 15.48 17.66 -11.34
CA LEU A 116 15.01 17.96 -12.69
C LEU A 116 13.81 18.89 -12.66
N ASN A 117 13.37 19.24 -11.46
CA ASN A 117 12.20 20.11 -11.28
C ASN A 117 10.94 19.45 -11.81
N LEU A 118 10.83 18.15 -11.58
CA LEU A 118 9.66 17.38 -12.01
C LEU A 118 9.03 16.65 -10.83
N SER A 119 7.75 16.34 -10.94
CA SER A 119 7.09 15.56 -9.90
C SER A 119 7.57 14.16 -10.23
N ILE A 120 7.47 13.23 -9.30
CA ILE A 120 7.91 11.87 -9.59
C ILE A 120 7.02 11.29 -10.71
N ALA A 121 5.74 11.61 -10.67
CA ALA A 121 4.81 11.13 -11.69
C ALA A 121 5.23 11.61 -13.08
N ASP A 122 5.71 12.85 -13.16
CA ASP A 122 6.14 13.40 -14.44
C ASP A 122 7.43 12.68 -14.89
N LEU A 123 8.34 12.46 -13.96
CA LEU A 123 9.59 11.76 -14.26
C LEU A 123 9.29 10.37 -14.82
N ILE A 124 8.30 9.70 -14.25
CA ILE A 124 7.91 8.37 -14.71
C ILE A 124 7.35 8.37 -16.12
N GLY A 125 6.75 9.49 -16.53
CA GLY A 125 6.20 9.58 -17.88
C GLY A 125 5.03 10.54 -18.01
N GLY A 126 4.42 10.88 -16.88
CA GLY A 126 3.28 11.80 -16.92
C GLY A 126 2.05 11.20 -16.27
N THR A 127 1.17 12.07 -15.79
CA THR A 127 -0.06 11.61 -15.12
C THR A 127 -1.21 11.31 -16.05
N MET A 128 -2.00 10.30 -15.67
CA MET A 128 -3.20 9.90 -16.40
C MET A 128 -4.37 10.48 -15.60
N ARG A 129 -4.10 10.81 -14.34
CA ARG A 129 -5.10 11.36 -13.44
C ARG A 129 -4.37 12.15 -12.35
N THR A 130 -5.04 13.13 -11.75
CA THR A 130 -4.42 13.92 -10.69
C THR A 130 -5.09 13.65 -9.34
N SER A 131 -6.06 12.74 -9.35
CA SER A 131 -6.76 12.34 -8.13
C SER A 131 -7.22 10.90 -8.34
N ILE A 132 -7.40 10.16 -7.25
CA ILE A 132 -7.81 8.77 -7.33
C ILE A 132 -8.89 8.41 -6.32
N PRO A 133 -9.99 7.78 -6.78
CA PRO A 133 -11.07 7.39 -5.85
C PRO A 133 -10.40 6.58 -4.74
N ILE A 134 -10.72 6.90 -3.49
CA ILE A 134 -10.09 6.21 -2.38
C ILE A 134 -11.04 5.45 -1.46
N ALA A 135 -10.69 4.20 -1.15
CA ALA A 135 -11.51 3.36 -0.29
C ALA A 135 -11.12 3.47 1.16
N TRP A 136 -12.12 3.55 2.03
CA TRP A 136 -11.89 3.63 3.46
C TRP A 136 -12.17 2.27 4.09
N THR A 137 -11.24 1.80 4.93
CA THR A 137 -11.38 0.52 5.59
C THR A 137 -12.20 0.60 6.87
N LEU A 138 -13.31 -0.12 6.92
CA LEU A 138 -14.17 -0.15 8.10
C LEU A 138 -13.81 -1.41 8.88
N ALA A 139 -13.25 -1.24 10.07
CA ALA A 139 -12.86 -2.38 10.87
C ALA A 139 -12.93 -2.10 12.37
N SER A 140 -13.93 -1.34 12.79
CA SER A 140 -14.10 -1.01 14.19
C SER A 140 -14.49 -2.24 15.00
N GLY A 141 -14.98 -3.26 14.31
CA GLY A 141 -15.38 -4.48 14.98
C GLY A 141 -16.84 -4.45 15.39
N ASP A 142 -17.51 -3.34 15.09
CA ASP A 142 -18.92 -3.17 15.43
C ASP A 142 -19.72 -2.74 14.20
N THR A 143 -20.82 -3.45 13.93
CA THR A 143 -21.66 -3.15 12.78
C THR A 143 -22.27 -1.76 12.81
N ALA A 144 -22.85 -1.39 13.95
CA ALA A 144 -23.48 -0.09 14.11
C ALA A 144 -22.46 1.04 13.91
N ARG A 145 -21.30 0.87 14.53
CA ARG A 145 -20.23 1.86 14.43
C ARG A 145 -19.74 2.00 12.98
N ASP A 146 -19.61 0.88 12.29
CA ASP A 146 -19.14 0.90 10.91
C ASP A 146 -20.15 1.64 10.03
N ILE A 147 -21.43 1.36 10.25
CA ILE A 147 -22.49 2.00 9.47
C ILE A 147 -22.47 3.52 9.66
N ASP A 148 -22.28 3.97 10.91
CA ASP A 148 -22.24 5.39 11.17
C ASP A 148 -21.01 5.99 10.49
N SER A 149 -19.89 5.29 10.60
CA SER A 149 -18.63 5.72 10.00
C SER A 149 -18.80 5.90 8.49
N ALA A 150 -19.38 4.90 7.83
CA ALA A 150 -19.58 4.96 6.39
C ALA A 150 -20.51 6.10 5.97
N LEU A 151 -21.67 6.21 6.62
CA LEU A 151 -22.63 7.27 6.29
C LEU A 151 -21.98 8.64 6.44
N GLU A 152 -21.12 8.76 7.45
CA GLU A 152 -20.42 10.00 7.71
C GLU A 152 -19.47 10.33 6.55
N MET A 153 -18.67 9.35 6.14
CA MET A 153 -17.72 9.53 5.05
C MET A 153 -18.44 9.85 3.73
N ILE A 154 -19.62 9.28 3.55
CA ILE A 154 -20.39 9.53 2.34
C ILE A 154 -20.94 10.96 2.34
N GLU A 155 -21.60 11.33 3.44
CA GLU A 155 -22.18 12.66 3.56
C GLU A 155 -21.16 13.80 3.46
N THR A 156 -19.95 13.57 3.97
CA THR A 156 -18.90 14.59 3.91
C THR A 156 -18.15 14.51 2.58
N ARG A 157 -18.61 13.63 1.70
CA ARG A 157 -18.00 13.43 0.38
C ARG A 157 -16.53 13.05 0.43
N ARG A 158 -16.14 12.31 1.45
CA ARG A 158 -14.75 11.89 1.56
C ARG A 158 -14.54 10.50 0.98
N HIS A 159 -15.48 9.59 1.25
CA HIS A 159 -15.39 8.21 0.77
C HIS A 159 -16.75 7.62 0.44
N ASN A 160 -16.83 6.90 -0.69
CA ASN A 160 -18.06 6.21 -1.06
C ASN A 160 -17.66 4.82 -1.58
N ARG A 161 -16.51 4.38 -1.08
CA ARG A 161 -15.94 3.06 -1.38
C ARG A 161 -15.40 2.61 -0.04
N PHE A 162 -15.84 1.44 0.43
CA PHE A 162 -15.41 0.95 1.73
C PHE A 162 -14.92 -0.49 1.71
N LYS A 163 -13.89 -0.75 2.51
CA LYS A 163 -13.34 -2.11 2.60
C LYS A 163 -13.63 -2.61 4.00
N VAL A 164 -14.25 -3.78 4.09
CA VAL A 164 -14.58 -4.38 5.38
C VAL A 164 -13.68 -5.58 5.65
N LYS A 165 -13.01 -5.59 6.80
CA LYS A 165 -12.14 -6.69 7.16
C LYS A 165 -13.00 -7.83 7.69
N LEU A 166 -12.77 -9.03 7.18
CA LEU A 166 -13.54 -10.20 7.60
C LEU A 166 -12.58 -11.29 8.05
N GLY A 167 -13.12 -12.39 8.58
CA GLY A 167 -12.28 -13.49 9.01
C GLY A 167 -12.18 -13.70 10.51
N ALA A 168 -12.35 -12.62 11.28
CA ALA A 168 -12.27 -12.70 12.73
C ALA A 168 -13.49 -13.43 13.31
N ARG A 169 -14.68 -12.93 12.97
CA ARG A 169 -15.93 -13.54 13.44
C ARG A 169 -16.23 -14.77 12.58
N THR A 170 -17.40 -15.36 12.77
CA THR A 170 -17.77 -16.52 11.97
C THR A 170 -18.24 -16.05 10.60
N PRO A 171 -18.17 -16.93 9.59
CA PRO A 171 -18.62 -16.55 8.25
C PRO A 171 -20.05 -16.01 8.25
N ALA A 172 -20.92 -16.67 9.01
CA ALA A 172 -22.32 -16.24 9.08
C ALA A 172 -22.41 -14.83 9.65
N GLN A 173 -21.65 -14.57 10.72
CA GLN A 173 -21.65 -13.26 11.34
C GLN A 173 -21.09 -12.22 10.37
N ASP A 174 -20.04 -12.58 9.65
CA ASP A 174 -19.45 -11.65 8.68
C ASP A 174 -20.46 -11.29 7.60
N LEU A 175 -21.23 -12.27 7.14
CA LEU A 175 -22.22 -12.01 6.09
C LEU A 175 -23.30 -11.05 6.57
N GLU A 176 -23.78 -11.24 7.80
CA GLU A 176 -24.82 -10.36 8.34
C GLU A 176 -24.26 -8.95 8.49
N HIS A 177 -23.02 -8.87 8.94
CA HIS A 177 -22.33 -7.60 9.10
C HIS A 177 -22.29 -6.89 7.76
N ILE A 178 -21.93 -7.62 6.72
CA ILE A 178 -21.87 -7.08 5.36
C ILE A 178 -23.26 -6.64 4.86
N ARG A 179 -24.25 -7.50 5.06
CA ARG A 179 -25.61 -7.19 4.63
C ARG A 179 -26.13 -5.91 5.28
N SER A 180 -25.81 -5.72 6.55
CA SER A 180 -26.25 -4.52 7.26
C SER A 180 -25.60 -3.27 6.67
N ILE A 181 -24.31 -3.35 6.38
CA ILE A 181 -23.59 -2.22 5.80
C ILE A 181 -24.15 -1.88 4.41
N VAL A 182 -24.30 -2.91 3.58
CA VAL A 182 -24.82 -2.71 2.23
C VAL A 182 -26.22 -2.09 2.26
N LYS A 183 -27.07 -2.57 3.17
CA LYS A 183 -28.41 -2.02 3.26
C LYS A 183 -28.35 -0.54 3.64
N ALA A 184 -27.46 -0.21 4.56
CA ALA A 184 -27.31 1.16 5.04
C ALA A 184 -26.81 2.15 3.99
N VAL A 185 -25.77 1.78 3.25
CA VAL A 185 -25.21 2.68 2.24
C VAL A 185 -25.99 2.74 0.94
N GLY A 186 -26.83 1.74 0.71
CA GLY A 186 -27.63 1.72 -0.52
C GLY A 186 -26.81 1.90 -1.78
N ASP A 187 -27.34 2.69 -2.72
CA ASP A 187 -26.66 2.94 -3.99
C ASP A 187 -25.66 4.08 -3.91
N ARG A 188 -25.35 4.53 -2.70
CA ARG A 188 -24.43 5.63 -2.51
C ARG A 188 -22.97 5.20 -2.28
N ALA A 189 -22.73 3.90 -2.16
CA ALA A 189 -21.38 3.43 -1.93
C ALA A 189 -21.16 1.99 -2.37
N SER A 190 -19.90 1.63 -2.59
CA SER A 190 -19.55 0.27 -2.98
C SER A 190 -18.83 -0.36 -1.79
N VAL A 191 -19.04 -1.67 -1.60
CA VAL A 191 -18.44 -2.38 -0.49
C VAL A 191 -17.51 -3.50 -0.96
N ARG A 192 -16.28 -3.48 -0.46
CA ARG A 192 -15.28 -4.50 -0.78
C ARG A 192 -14.92 -5.17 0.54
N VAL A 193 -14.26 -6.32 0.48
CA VAL A 193 -13.86 -7.00 1.70
C VAL A 193 -12.43 -7.52 1.59
N ASP A 194 -11.82 -7.73 2.75
CA ASP A 194 -10.47 -8.28 2.82
C ASP A 194 -10.53 -9.33 3.91
N VAL A 195 -10.38 -10.60 3.53
CA VAL A 195 -10.46 -11.69 4.49
C VAL A 195 -9.13 -11.93 5.19
N ASN A 196 -8.09 -11.24 4.71
CA ASN A 196 -6.77 -11.36 5.30
C ASN A 196 -6.31 -12.80 5.50
N GLN A 197 -6.45 -13.62 4.46
CA GLN A 197 -6.05 -15.02 4.48
C GLN A 197 -6.81 -15.85 5.51
N GLY A 198 -7.91 -15.31 6.02
CA GLY A 198 -8.67 -16.00 7.05
C GLY A 198 -9.52 -17.22 6.75
N TRP A 199 -9.73 -17.56 5.49
CA TRP A 199 -10.56 -18.73 5.19
C TRP A 199 -9.82 -19.81 4.44
N ASP A 200 -10.23 -21.06 4.63
CA ASP A 200 -9.62 -22.15 3.89
C ASP A 200 -10.42 -22.18 2.59
N GLU A 201 -10.05 -23.04 1.64
CA GLU A 201 -10.75 -23.05 0.37
C GLU A 201 -12.26 -23.33 0.41
N GLN A 202 -12.67 -24.38 1.13
CA GLN A 202 -14.09 -24.69 1.17
C GLN A 202 -14.93 -23.58 1.78
N THR A 203 -14.40 -22.94 2.81
CA THR A 203 -15.13 -21.86 3.46
C THR A 203 -15.29 -20.71 2.47
N ALA A 204 -14.20 -20.35 1.80
CA ALA A 204 -14.26 -19.27 0.81
C ALA A 204 -15.20 -19.64 -0.33
N SER A 205 -15.17 -20.90 -0.76
CA SER A 205 -16.03 -21.32 -1.88
C SER A 205 -17.51 -21.21 -1.54
N ILE A 206 -17.84 -21.34 -0.26
CA ILE A 206 -19.22 -21.25 0.16
C ILE A 206 -19.68 -19.81 0.36
N TRP A 207 -18.86 -19.03 1.06
CA TRP A 207 -19.25 -17.66 1.38
C TRP A 207 -18.97 -16.55 0.38
N ILE A 208 -18.01 -16.73 -0.52
CA ILE A 208 -17.77 -15.68 -1.50
C ILE A 208 -19.03 -15.49 -2.36
N PRO A 209 -19.67 -16.59 -2.78
CA PRO A 209 -20.89 -16.44 -3.59
C PRO A 209 -21.95 -15.65 -2.83
N ARG A 210 -22.03 -15.88 -1.52
CA ARG A 210 -23.00 -15.19 -0.67
C ARG A 210 -22.63 -13.71 -0.52
N LEU A 211 -21.33 -13.43 -0.48
CA LEU A 211 -20.87 -12.05 -0.39
C LEU A 211 -21.24 -11.34 -1.68
N GLU A 212 -21.00 -12.02 -2.81
CA GLU A 212 -21.32 -11.44 -4.10
C GLU A 212 -22.82 -11.15 -4.17
N GLU A 213 -23.63 -12.11 -3.74
CA GLU A 213 -25.07 -11.95 -3.76
C GLU A 213 -25.48 -10.78 -2.85
N ALA A 214 -24.75 -10.59 -1.76
CA ALA A 214 -25.04 -9.51 -0.82
C ALA A 214 -24.67 -8.13 -1.37
N GLY A 215 -23.90 -8.11 -2.45
CA GLY A 215 -23.51 -6.83 -3.05
C GLY A 215 -22.04 -6.48 -3.03
N VAL A 216 -21.20 -7.37 -2.51
CA VAL A 216 -19.76 -7.11 -2.45
C VAL A 216 -19.18 -7.04 -3.87
N GLU A 217 -18.32 -6.05 -4.09
CA GLU A 217 -17.71 -5.80 -5.40
C GLU A 217 -16.29 -6.33 -5.57
N LEU A 218 -15.64 -6.67 -4.48
CA LEU A 218 -14.25 -7.14 -4.54
C LEU A 218 -13.91 -7.92 -3.28
N VAL A 219 -13.29 -9.09 -3.45
CA VAL A 219 -12.90 -9.92 -2.32
C VAL A 219 -11.38 -10.05 -2.33
N GLU A 220 -10.75 -9.52 -1.30
CA GLU A 220 -9.29 -9.53 -1.20
C GLU A 220 -8.73 -10.68 -0.37
N GLN A 221 -7.70 -11.32 -0.92
CA GLN A 221 -6.97 -12.42 -0.29
C GLN A 221 -7.80 -13.30 0.65
N PRO A 222 -8.81 -14.02 0.11
CA PRO A 222 -9.65 -14.88 0.94
C PRO A 222 -8.94 -16.05 1.61
N VAL A 223 -7.88 -16.55 0.98
CA VAL A 223 -7.15 -17.70 1.49
C VAL A 223 -5.67 -17.40 1.77
N PRO A 224 -4.95 -18.33 2.42
CA PRO A 224 -3.53 -18.12 2.71
C PRO A 224 -2.74 -17.73 1.46
N ARG A 225 -1.76 -16.86 1.65
CA ARG A 225 -0.95 -16.35 0.54
C ARG A 225 -0.30 -17.35 -0.39
N ALA A 226 0.11 -18.50 0.13
CA ALA A 226 0.76 -19.50 -0.73
C ALA A 226 -0.21 -20.39 -1.52
N ASN A 227 -1.49 -20.31 -1.21
CA ASN A 227 -2.46 -21.16 -1.89
C ASN A 227 -2.96 -20.59 -3.23
N PHE A 228 -2.08 -20.55 -4.22
CA PHE A 228 -2.41 -20.03 -5.54
C PHE A 228 -3.50 -20.85 -6.22
N GLY A 229 -3.50 -22.16 -5.96
CA GLY A 229 -4.51 -23.03 -6.55
C GLY A 229 -5.91 -22.71 -6.09
N ALA A 230 -6.06 -22.45 -4.79
CA ALA A 230 -7.37 -22.11 -4.25
C ALA A 230 -7.82 -20.78 -4.85
N LEU A 231 -6.92 -19.81 -4.91
CA LEU A 231 -7.26 -18.51 -5.49
C LEU A 231 -7.77 -18.67 -6.92
N ARG A 232 -7.06 -19.45 -7.72
CA ARG A 232 -7.44 -19.67 -9.11
C ARG A 232 -8.83 -20.30 -9.21
N ARG A 233 -9.07 -21.34 -8.42
CA ARG A 233 -10.38 -22.01 -8.46
C ARG A 233 -11.52 -21.08 -8.03
N LEU A 234 -11.28 -20.29 -6.99
CA LEU A 234 -12.29 -19.35 -6.50
C LEU A 234 -12.55 -18.28 -7.56
N THR A 235 -11.47 -17.82 -8.18
CA THR A 235 -11.57 -16.80 -9.23
C THR A 235 -12.35 -17.36 -10.43
N GLU A 236 -12.07 -18.59 -10.81
CA GLU A 236 -12.75 -19.20 -11.95
C GLU A 236 -14.23 -19.42 -11.69
N GLN A 237 -14.58 -19.77 -10.44
CA GLN A 237 -15.96 -20.07 -10.09
C GLN A 237 -16.85 -18.92 -9.62
N ASN A 238 -16.27 -17.76 -9.34
CA ASN A 238 -17.06 -16.63 -8.86
C ASN A 238 -17.02 -15.43 -9.77
N GLY A 239 -18.15 -14.73 -9.84
CA GLY A 239 -18.20 -13.53 -10.66
C GLY A 239 -17.50 -12.37 -9.97
N VAL A 240 -17.71 -12.22 -8.67
CA VAL A 240 -17.08 -11.12 -7.92
C VAL A 240 -15.57 -11.21 -8.09
N ALA A 241 -14.94 -10.06 -8.34
CA ALA A 241 -13.49 -10.00 -8.53
C ALA A 241 -12.70 -10.39 -7.29
N ILE A 242 -11.62 -11.13 -7.50
CA ILE A 242 -10.75 -11.56 -6.42
C ILE A 242 -9.46 -10.77 -6.54
N LEU A 243 -9.04 -10.19 -5.42
CA LEU A 243 -7.83 -9.38 -5.36
C LEU A 243 -6.71 -10.04 -4.58
N ALA A 244 -5.54 -10.12 -5.19
CA ALA A 244 -4.38 -10.71 -4.52
C ALA A 244 -3.66 -9.61 -3.75
N ASP A 245 -3.27 -9.91 -2.52
CA ASP A 245 -2.52 -8.94 -1.72
C ASP A 245 -1.26 -9.62 -1.24
N GLU A 246 -1.37 -10.38 -0.15
CA GLU A 246 -0.21 -11.07 0.39
C GLU A 246 0.42 -12.09 -0.55
N SER A 247 -0.34 -12.60 -1.52
CA SER A 247 0.20 -13.57 -2.46
C SER A 247 1.24 -12.94 -3.40
N LEU A 248 1.22 -11.61 -3.48
CA LEU A 248 2.15 -10.87 -4.33
C LEU A 248 3.38 -10.37 -3.56
N SER A 249 4.54 -10.45 -4.20
CA SER A 249 5.78 -9.97 -3.61
C SER A 249 6.76 -9.68 -4.73
N SER A 250 7.40 -10.73 -5.23
CA SER A 250 8.39 -10.64 -6.29
C SER A 250 7.72 -10.51 -7.66
N LEU A 251 8.51 -10.14 -8.66
CA LEU A 251 7.99 -10.01 -10.01
C LEU A 251 7.58 -11.41 -10.47
N SER A 252 8.31 -12.41 -10.01
CA SER A 252 8.04 -13.80 -10.35
C SER A 252 6.66 -14.24 -9.88
N SER A 253 6.30 -13.86 -8.66
CA SER A 253 5.00 -14.23 -8.11
C SER A 253 3.88 -13.60 -8.93
N ALA A 254 4.12 -12.38 -9.42
CA ALA A 254 3.14 -11.69 -10.24
C ALA A 254 2.90 -12.50 -11.52
N PHE A 255 3.98 -12.94 -12.14
CA PHE A 255 3.86 -13.72 -13.37
C PHE A 255 3.16 -15.05 -13.09
N GLU A 256 3.49 -15.67 -11.97
CA GLU A 256 2.89 -16.94 -11.59
C GLU A 256 1.37 -16.83 -11.42
N LEU A 257 0.92 -15.78 -10.74
CA LEU A 257 -0.51 -15.56 -10.53
C LEU A 257 -1.17 -15.23 -11.86
N ALA A 258 -0.45 -14.48 -12.70
CA ALA A 258 -0.99 -14.08 -13.99
C ALA A 258 -1.12 -15.21 -15.00
N ARG A 259 -0.14 -16.10 -15.00
CA ARG A 259 -0.09 -17.22 -15.93
C ARG A 259 -1.43 -17.88 -16.23
N ASP A 260 -2.16 -18.26 -15.19
CA ASP A 260 -3.46 -18.90 -15.37
C ASP A 260 -4.61 -18.10 -14.75
N HIS A 261 -4.43 -16.79 -14.70
CA HIS A 261 -5.43 -15.87 -14.16
C HIS A 261 -5.95 -16.34 -12.80
N ALA A 262 -5.04 -16.51 -11.86
CA ALA A 262 -5.37 -16.98 -10.52
C ALA A 262 -6.20 -15.96 -9.74
N VAL A 263 -6.11 -14.70 -10.14
CA VAL A 263 -6.90 -13.62 -9.53
C VAL A 263 -7.29 -12.63 -10.62
N ASP A 264 -8.20 -11.72 -10.31
CA ASP A 264 -8.66 -10.72 -11.28
C ASP A 264 -7.89 -9.41 -11.14
N ALA A 265 -7.27 -9.22 -9.98
CA ALA A 265 -6.57 -7.98 -9.72
C ALA A 265 -5.38 -8.14 -8.80
N PHE A 266 -4.40 -7.25 -8.96
CA PHE A 266 -3.19 -7.25 -8.13
C PHE A 266 -3.21 -6.01 -7.27
N SER A 267 -2.90 -6.16 -5.97
CA SER A 267 -2.83 -5.01 -5.11
C SER A 267 -1.40 -4.51 -5.18
N LEU A 268 -1.18 -3.43 -5.90
CA LEU A 268 0.18 -2.88 -6.01
C LEU A 268 0.55 -2.16 -4.71
N LYS A 269 1.72 -2.48 -4.18
CA LYS A 269 2.23 -1.87 -2.95
C LYS A 269 3.73 -1.68 -3.10
N LEU A 270 4.14 -0.43 -3.18
CA LEU A 270 5.55 -0.09 -3.37
C LEU A 270 6.53 -0.79 -2.45
N CYS A 271 6.20 -0.84 -1.17
CA CYS A 271 7.09 -1.47 -0.19
C CYS A 271 7.23 -2.98 -0.29
N ASN A 272 6.12 -3.69 -0.48
CA ASN A 272 6.21 -5.14 -0.57
C ASN A 272 6.71 -5.60 -1.94
N MET A 273 6.80 -4.70 -2.90
CA MET A 273 7.28 -5.05 -4.23
C MET A 273 8.71 -4.59 -4.50
N GLY A 274 9.27 -3.78 -3.61
CA GLY A 274 10.64 -3.35 -3.78
C GLY A 274 10.92 -2.01 -4.43
N GLY A 275 9.90 -1.19 -4.61
CA GLY A 275 10.14 0.12 -5.20
C GLY A 275 9.25 0.50 -6.36
N ILE A 276 9.55 1.66 -6.93
CA ILE A 276 8.77 2.20 -8.05
C ILE A 276 8.95 1.39 -9.34
N ALA A 277 10.20 1.23 -9.79
CA ALA A 277 10.42 0.47 -11.02
C ALA A 277 9.86 -0.94 -10.89
N ASN A 278 10.10 -1.59 -9.76
CA ASN A 278 9.61 -2.94 -9.54
C ASN A 278 8.08 -3.01 -9.56
N THR A 279 7.44 -2.01 -8.98
CA THR A 279 5.98 -2.00 -8.96
C THR A 279 5.45 -1.79 -10.37
N LEU A 280 6.14 -0.96 -11.15
CA LEU A 280 5.73 -0.72 -12.52
C LEU A 280 5.90 -1.97 -13.38
N LYS A 281 6.87 -2.81 -13.06
CA LYS A 281 7.07 -4.05 -13.81
C LYS A 281 5.91 -5.00 -13.50
N VAL A 282 5.48 -5.03 -12.24
CA VAL A 282 4.36 -5.88 -11.86
C VAL A 282 3.10 -5.39 -12.57
N ALA A 283 2.92 -4.07 -12.64
CA ALA A 283 1.76 -3.49 -13.31
C ALA A 283 1.79 -3.83 -14.81
N ALA A 284 2.99 -3.92 -15.36
CA ALA A 284 3.14 -4.24 -16.78
C ALA A 284 2.71 -5.70 -17.01
N VAL A 285 3.07 -6.59 -16.09
CA VAL A 285 2.70 -7.99 -16.20
C VAL A 285 1.18 -8.12 -16.11
N ALA A 286 0.58 -7.34 -15.22
CA ALA A 286 -0.87 -7.37 -15.05
C ALA A 286 -1.55 -6.90 -16.32
N GLU A 287 -1.05 -5.81 -16.89
CA GLU A 287 -1.59 -5.25 -18.13
C GLU A 287 -1.48 -6.28 -19.25
N ALA A 288 -0.33 -6.92 -19.33
CA ALA A 288 -0.07 -7.93 -20.36
C ALA A 288 -0.97 -9.15 -20.22
N ALA A 289 -1.28 -9.53 -18.99
CA ALA A 289 -2.08 -10.72 -18.74
C ALA A 289 -3.58 -10.49 -18.59
N GLY A 290 -4.01 -9.24 -18.59
CA GLY A 290 -5.43 -8.96 -18.45
C GLY A 290 -5.87 -9.04 -17.00
N ILE A 291 -5.06 -8.52 -16.11
CA ILE A 291 -5.35 -8.48 -14.68
C ILE A 291 -5.37 -7.01 -14.26
N SER A 292 -6.33 -6.64 -13.40
CA SER A 292 -6.49 -5.26 -12.94
C SER A 292 -5.43 -4.80 -11.95
N SER A 293 -5.11 -3.51 -11.95
CA SER A 293 -4.17 -2.95 -10.99
C SER A 293 -4.96 -2.19 -9.93
N TYR A 294 -4.62 -2.43 -8.67
CA TYR A 294 -5.28 -1.79 -7.54
C TYR A 294 -4.23 -1.04 -6.72
N GLY A 295 -4.56 0.16 -6.27
CA GLY A 295 -3.62 0.93 -5.49
C GLY A 295 -3.64 0.54 -4.03
N GLY A 296 -2.79 -0.41 -3.67
CA GLY A 296 -2.73 -0.90 -2.30
C GLY A 296 -1.91 -0.05 -1.33
N THR A 297 -2.08 -0.31 -0.04
CA THR A 297 -1.36 0.44 0.98
C THR A 297 -0.88 -0.43 2.13
N MET A 298 0.13 0.07 2.84
CA MET A 298 0.69 -0.59 4.01
C MET A 298 0.50 0.37 5.17
N LEU A 299 -0.62 1.10 5.16
CA LEU A 299 -0.90 2.10 6.18
C LEU A 299 0.35 2.97 6.28
N ASP A 300 0.72 3.56 5.16
CA ASP A 300 1.92 4.39 5.09
C ASP A 300 1.67 5.81 5.58
N SER A 301 2.73 6.51 5.94
CA SER A 301 2.61 7.89 6.37
C SER A 301 2.46 8.68 5.08
N THR A 302 2.46 10.01 5.18
CA THR A 302 2.33 10.84 4.00
C THR A 302 3.47 10.64 3.00
N VAL A 303 4.65 10.29 3.48
CA VAL A 303 5.79 10.07 2.60
C VAL A 303 5.54 8.87 1.67
N GLY A 304 5.22 7.72 2.26
CA GLY A 304 4.96 6.53 1.47
C GLY A 304 3.71 6.64 0.63
N THR A 305 2.71 7.33 1.16
CA THR A 305 1.45 7.51 0.46
C THR A 305 1.66 8.39 -0.76
N ALA A 306 2.46 9.45 -0.62
CA ALA A 306 2.74 10.35 -1.73
C ALA A 306 3.46 9.56 -2.81
N ALA A 307 4.43 8.74 -2.40
CA ALA A 307 5.20 7.93 -3.34
C ALA A 307 4.27 7.06 -4.16
N ALA A 308 3.35 6.37 -3.48
CA ALA A 308 2.39 5.49 -4.16
C ALA A 308 1.47 6.26 -5.09
N LEU A 309 1.02 7.44 -4.65
CA LEU A 309 0.14 8.25 -5.48
C LEU A 309 0.80 8.64 -6.81
N HIS A 310 2.08 9.01 -6.75
CA HIS A 310 2.78 9.40 -7.97
C HIS A 310 2.86 8.24 -8.96
N VAL A 311 3.03 7.04 -8.44
CA VAL A 311 3.09 5.87 -9.29
C VAL A 311 1.72 5.54 -9.89
N TYR A 312 0.70 5.45 -9.05
CA TYR A 312 -0.63 5.12 -9.52
C TYR A 312 -1.23 6.17 -10.44
N ALA A 313 -0.78 7.42 -10.29
CA ALA A 313 -1.29 8.49 -11.13
C ALA A 313 -0.90 8.29 -12.59
N THR A 314 0.14 7.49 -12.83
CA THR A 314 0.63 7.26 -14.20
C THR A 314 0.07 6.03 -14.90
N LEU A 315 -0.60 5.14 -14.15
CA LEU A 315 -1.13 3.92 -14.73
C LEU A 315 -2.34 4.16 -15.63
N PRO A 316 -2.45 3.36 -16.71
CA PRO A 316 -3.57 3.52 -17.64
C PRO A 316 -4.96 3.31 -17.03
N SER A 317 -5.07 2.36 -16.11
CA SER A 317 -6.37 2.06 -15.53
C SER A 317 -6.31 1.57 -14.08
N LEU A 318 -7.20 2.12 -13.25
CA LEU A 318 -7.31 1.75 -11.84
C LEU A 318 -8.80 1.55 -11.62
N PRO A 319 -9.34 0.43 -12.11
CA PRO A 319 -10.78 0.10 -12.00
C PRO A 319 -11.39 0.07 -10.59
N TYR A 320 -10.56 -0.08 -9.56
CA TYR A 320 -11.09 -0.10 -8.20
C TYR A 320 -10.51 1.01 -7.36
N GLY A 321 -9.83 1.96 -8.00
CA GLY A 321 -9.23 3.07 -7.27
C GLY A 321 -8.06 2.65 -6.42
N CYS A 322 -7.94 3.24 -5.23
CA CYS A 322 -6.85 2.93 -4.30
C CYS A 322 -7.36 2.94 -2.84
N GLU A 323 -6.47 2.63 -1.91
CA GLU A 323 -6.80 2.60 -0.48
C GLU A 323 -5.71 3.28 0.35
N LEU A 324 -5.15 4.36 -0.17
CA LEU A 324 -4.07 5.08 0.49
C LEU A 324 -4.53 5.98 1.65
N ILE A 325 -5.10 5.37 2.68
CA ILE A 325 -5.62 6.11 3.84
C ILE A 325 -4.67 6.18 5.04
N GLY A 326 -3.46 5.65 4.88
CA GLY A 326 -2.50 5.67 5.97
C GLY A 326 -2.40 6.98 6.73
N PRO A 327 -2.17 8.11 6.03
CA PRO A 327 -2.05 9.42 6.70
C PRO A 327 -3.22 9.78 7.63
N TRP A 328 -4.39 9.21 7.38
CA TRP A 328 -5.57 9.50 8.19
C TRP A 328 -5.80 8.54 9.36
N VAL A 329 -5.08 7.43 9.33
CA VAL A 329 -5.19 6.44 10.40
C VAL A 329 -4.17 6.82 11.47
N LEU A 330 -3.12 7.51 11.04
CA LEU A 330 -2.07 7.96 11.96
C LEU A 330 -2.59 9.15 12.76
N GLY A 331 -2.11 9.30 13.99
CA GLY A 331 -2.56 10.40 14.84
C GLY A 331 -1.80 11.70 14.63
N ASP A 332 -0.81 11.69 13.75
CA ASP A 332 -0.05 12.90 13.47
C ASP A 332 0.63 12.75 12.11
N ARG A 333 1.24 13.83 11.63
CA ARG A 333 1.93 13.82 10.33
C ARG A 333 3.43 13.98 10.49
N LEU A 334 4.18 13.40 9.57
CA LEU A 334 5.64 13.47 9.60
C LEU A 334 6.14 14.47 8.56
N THR A 335 5.22 14.96 7.73
CA THR A 335 5.56 15.91 6.70
C THR A 335 5.00 17.29 7.01
N GLN A 336 5.51 18.30 6.33
CA GLN A 336 5.07 19.66 6.53
C GLN A 336 3.66 19.85 5.99
N GLN A 337 3.37 19.27 4.83
CA GLN A 337 2.05 19.40 4.24
C GLN A 337 1.20 18.16 4.45
N ASP A 338 -0.10 18.33 4.27
CA ASP A 338 -1.04 17.23 4.40
C ASP A 338 -1.62 16.92 3.04
N LEU A 339 -2.05 15.67 2.85
CA LEU A 339 -2.65 15.26 1.60
C LEU A 339 -4.11 15.67 1.65
N GLU A 340 -4.70 15.89 0.48
CA GLU A 340 -6.09 16.30 0.41
C GLU A 340 -7.03 15.24 -0.16
N ILE A 341 -8.13 15.01 0.55
CA ILE A 341 -9.15 14.08 0.11
C ILE A 341 -10.39 14.95 -0.10
N LYS A 342 -10.91 14.97 -1.31
CA LYS A 342 -12.08 15.77 -1.61
C LYS A 342 -12.90 15.11 -2.71
N ASP A 343 -14.22 15.15 -2.55
CA ASP A 343 -15.13 14.55 -3.52
C ASP A 343 -14.79 13.09 -3.82
N PHE A 344 -14.61 12.31 -2.75
CA PHE A 344 -14.34 10.88 -2.82
C PHE A 344 -12.99 10.44 -3.36
N GLU A 345 -12.09 11.40 -3.61
CA GLU A 345 -10.77 11.08 -4.15
C GLU A 345 -9.62 11.75 -3.41
N VAL A 346 -8.46 11.09 -3.41
CA VAL A 346 -7.27 11.64 -2.79
C VAL A 346 -6.52 12.33 -3.93
N HIS A 347 -5.98 13.51 -3.66
CA HIS A 347 -5.29 14.28 -4.70
C HIS A 347 -3.79 14.23 -4.66
N LEU A 348 -3.20 14.20 -5.85
CA LEU A 348 -1.74 14.15 -5.99
C LEU A 348 -1.19 15.50 -5.52
N PRO A 349 -0.27 15.49 -4.56
CA PRO A 349 0.30 16.76 -4.08
C PRO A 349 1.13 17.44 -5.16
N LEU A 350 0.95 18.75 -5.32
CA LEU A 350 1.68 19.51 -6.32
C LEU A 350 3.12 19.71 -5.92
N GLY A 351 3.98 19.98 -6.90
CA GLY A 351 5.39 20.21 -6.61
C GLY A 351 6.30 19.15 -7.19
N SER A 352 7.60 19.37 -7.09
CA SER A 352 8.58 18.44 -7.61
C SER A 352 8.81 17.29 -6.63
N GLY A 353 9.38 16.20 -7.13
CA GLY A 353 9.62 15.05 -6.29
C GLY A 353 8.30 14.49 -5.79
N LEU A 354 8.27 14.09 -4.53
CA LEU A 354 7.06 13.55 -3.90
C LEU A 354 6.01 14.64 -3.71
N GLY A 355 6.48 15.89 -3.64
CA GLY A 355 5.54 16.98 -3.45
C GLY A 355 5.29 17.19 -1.97
N VAL A 356 6.05 16.50 -1.13
CA VAL A 356 5.92 16.66 0.32
C VAL A 356 7.31 16.65 0.94
N ASP A 357 7.45 17.39 2.04
CA ASP A 357 8.72 17.49 2.74
C ASP A 357 8.59 17.08 4.20
N LEU A 358 9.67 16.51 4.73
CA LEU A 358 9.72 16.06 6.11
C LEU A 358 9.65 17.23 7.08
N ASP A 359 8.85 17.09 8.13
CA ASP A 359 8.77 18.12 9.17
C ASP A 359 9.76 17.54 10.17
N HIS A 360 10.97 18.08 10.18
CA HIS A 360 12.02 17.59 11.07
C HIS A 360 11.67 17.60 12.55
N ASP A 361 10.83 18.56 12.95
CA ASP A 361 10.43 18.63 14.35
C ASP A 361 9.55 17.43 14.67
N LYS A 362 8.69 17.06 13.72
CA LYS A 362 7.81 15.90 13.91
C LYS A 362 8.63 14.61 13.91
N VAL A 363 9.52 14.47 12.94
CA VAL A 363 10.36 13.28 12.86
C VAL A 363 11.19 13.13 14.13
N ARG A 364 11.79 14.23 14.55
CA ARG A 364 12.62 14.25 15.76
C ARG A 364 11.80 13.76 16.95
N HIS A 365 10.59 14.30 17.09
CA HIS A 365 9.71 13.93 18.19
C HIS A 365 9.36 12.45 18.25
N TYR A 366 8.98 11.87 17.11
CA TYR A 366 8.60 10.46 17.09
C TYR A 366 9.73 9.46 16.86
N THR A 367 10.96 9.94 16.77
CA THR A 367 12.10 9.04 16.58
C THR A 367 12.20 8.17 17.83
N ARG A 368 12.35 6.86 17.66
CA ARG A 368 12.44 6.02 18.84
C ARG A 368 13.86 6.04 19.39
N ALA A 369 13.98 6.05 20.72
CA ALA A 369 15.28 6.08 21.38
C ALA A 369 16.02 4.75 21.21
#